data_6K0U
#
_entry.id   6K0U
#
_cell.length_a   132.966
_cell.length_b   132.966
_cell.length_c   76.498
_cell.angle_alpha   90.000
_cell.angle_beta   90.000
_cell.angle_gamma   90.000
#
_symmetry.space_group_name_H-M   'P 43 21 2'
#
loop_
_entity.id
_entity.type
_entity.pdbx_description
1 polymer Alpha-1,3-glucanase
2 branched alpha-D-glucopyranose-(1-3)-alpha-D-glucopyranose-(1-3)-alpha-D-glucopyranose
3 branched alpha-D-glucopyranose-(1-3)-alpha-D-glucopyranose-(1-3)-alpha-D-glucopyranose-(1-3)-alpha-D-glucopyranose
4 non-polymer 'SULFATE ION'
5 non-polymer 'CALCIUM ION'
6 water water
#
_entity_poly.entity_id   1
_entity_poly.type   'polypeptide(L)'
_entity_poly.pdbx_seq_one_letter_code
;AGSVDTVSLYSGRGANMPFTIMEAESTSNATNGTKLTPNFKPGDYAGEASGRSSVYLDATGEYVEFTLTSPANAFVLRNA
VAENTTGTVSIYADGVSKGKFNVSSKFSYLYATPSTLGRLGYDNAPGAGLTAYWLYEDAQLMLDQVYPAGTKIKIQKDAG
DVSWIYVDLLETENVAPPQANPDPTKYVAVSASKSIDQALTEFRQDNTKKGIYIPAGEWTINSKIFLYGRATEIVGAGPW
YTKLVAPQSQSNTDVGFNISAAANGSTIRDLSAWGNYINRVDGPGKFIDGNGMQNVTVQNIWVEHFVCLYWGVNSSYNTF
KNNRIKNTFADGINMTNGSSYNVIDNNYARGTGADSFALFSATDSGGSYNVGNKYTNLTATNVRRAAAFAVYGGSDNLFQ
NLYGADTLTYPGITISSYSFGYNTLGFGDQDTVIDGATLDRTGGDFWTSVGADDKINEYQNFGAIWIYGGDRAIKNILIK
NVDINNPVYFGLMFQSMSPNNMVMQNIRVENVNINNPSRYGIKLVVRAEQGQGPAYGGASFTNVKVNNPGISAIYGEAQS
PNFTVTRVSGNNW
;
_entity_poly.pdbx_strand_id   A
#
loop_
_chem_comp.id
_chem_comp.type
_chem_comp.name
_chem_comp.formula
CA non-polymer 'CALCIUM ION' 'Ca 2'
GLC D-saccharide, alpha linking alpha-D-glucopyranose 'C6 H12 O6'
SO4 non-polymer 'SULFATE ION' 'O4 S -2'
#
# COMPACT_ATOMS: atom_id res chain seq x y z
N GLY A 12 -7.44 -16.77 -0.20
CA GLY A 12 -6.88 -15.48 0.14
C GLY A 12 -5.47 -15.49 0.71
N ARG A 13 -4.52 -15.06 -0.12
CA ARG A 13 -3.23 -14.61 0.38
C ARG A 13 -3.37 -13.21 0.95
N GLY A 14 -2.42 -12.84 1.80
CA GLY A 14 -2.38 -11.49 2.35
C GLY A 14 -3.19 -11.29 3.62
N ALA A 15 -3.67 -10.07 3.85
CA ALA A 15 -4.32 -9.75 5.11
C ALA A 15 -5.70 -10.39 5.19
N ASN A 16 -6.06 -10.81 6.40
CA ASN A 16 -7.42 -11.27 6.71
C ASN A 16 -8.15 -10.09 7.35
N MET A 17 -8.96 -9.40 6.57
CA MET A 17 -9.65 -8.21 7.02
CA MET A 17 -9.64 -8.23 7.07
C MET A 17 -11.14 -8.47 7.20
N PRO A 18 -11.81 -7.75 8.10
CA PRO A 18 -13.26 -7.98 8.29
C PRO A 18 -14.11 -7.45 7.15
N PHE A 19 -13.56 -6.61 6.29
CA PHE A 19 -14.33 -6.09 5.17
C PHE A 19 -14.11 -6.96 3.94
N THR A 20 -15.10 -6.97 3.04
CA THR A 20 -15.06 -7.64 1.76
C THR A 20 -14.90 -6.59 0.68
N ILE A 21 -14.10 -6.88 -0.33
CA ILE A 21 -13.92 -5.99 -1.48
C ILE A 21 -14.67 -6.59 -2.65
N MET A 22 -15.49 -5.79 -3.32
CA MET A 22 -16.04 -6.18 -4.61
C MET A 22 -15.73 -5.11 -5.65
N GLU A 23 -15.24 -5.56 -6.80
CA GLU A 23 -15.03 -4.65 -7.92
C GLU A 23 -16.36 -4.22 -8.51
N ALA A 24 -16.49 -2.93 -8.81
CA ALA A 24 -17.73 -2.46 -9.42
C ALA A 24 -18.00 -3.19 -10.74
N GLU A 25 -16.97 -3.41 -11.53
CA GLU A 25 -17.04 -4.02 -12.85
C GLU A 25 -17.22 -5.53 -12.81
N SER A 26 -17.31 -6.14 -11.63
CA SER A 26 -17.50 -7.58 -11.53
C SER A 26 -18.67 -8.03 -12.40
N THR A 27 -18.50 -9.20 -13.04
CA THR A 27 -19.57 -9.75 -13.88
C THR A 27 -20.81 -10.10 -13.07
N SER A 28 -20.70 -10.19 -11.75
CA SER A 28 -21.85 -10.40 -10.89
C SER A 28 -22.69 -9.15 -10.67
N ASN A 29 -22.27 -7.99 -11.18
CA ASN A 29 -22.92 -6.70 -10.90
C ASN A 29 -23.68 -6.19 -12.12
N ALA A 30 -24.98 -6.01 -11.98
CA ALA A 30 -25.73 -5.36 -13.05
C ALA A 30 -25.46 -3.87 -13.06
N THR A 31 -25.38 -3.29 -14.27
CA THR A 31 -25.17 -1.87 -14.39
C THR A 31 -25.76 -1.39 -15.70
N ASN A 32 -26.27 -0.16 -15.69
CA ASN A 32 -26.63 0.53 -16.92
C ASN A 32 -25.67 1.66 -17.23
N GLY A 33 -24.48 1.63 -16.64
CA GLY A 33 -23.43 2.59 -16.93
C GLY A 33 -22.37 2.00 -17.84
N THR A 34 -21.19 2.63 -17.82
CA THR A 34 -20.15 2.35 -18.81
C THR A 34 -18.96 1.68 -18.13
N LYS A 35 -18.72 0.41 -18.47
CA LYS A 35 -17.59 -0.35 -17.92
C LYS A 35 -16.33 -0.05 -18.74
N LEU A 36 -15.28 0.44 -18.09
CA LEU A 36 -14.06 0.77 -18.82
C LEU A 36 -13.29 -0.48 -19.24
N THR A 37 -12.76 -0.45 -20.48
CA THR A 37 -11.84 -1.51 -20.88
CA THR A 37 -11.83 -1.49 -20.91
C THR A 37 -10.50 -1.33 -20.18
N PRO A 38 -9.91 -2.42 -19.66
CA PRO A 38 -8.69 -2.30 -18.86
C PRO A 38 -7.47 -1.82 -19.63
N ASN A 39 -6.61 -1.09 -18.94
CA ASN A 39 -5.28 -0.77 -19.42
C ASN A 39 -4.39 -0.60 -18.20
N PHE A 40 -3.11 -0.32 -18.44
CA PHE A 40 -2.10 -0.15 -17.41
C PHE A 40 -1.59 1.29 -17.36
N LYS A 41 -2.40 2.25 -17.80
CA LYS A 41 -1.94 3.63 -17.96
C LYS A 41 -2.09 4.42 -16.66
N PRO A 42 -1.01 4.93 -16.08
CA PRO A 42 -1.18 5.92 -15.02
C PRO A 42 -1.88 7.14 -15.60
N GLY A 43 -2.63 7.85 -14.76
CA GLY A 43 -3.31 9.04 -15.23
C GLY A 43 -4.54 8.77 -16.06
N ASP A 44 -5.06 7.55 -16.00
CA ASP A 44 -6.18 7.09 -16.80
C ASP A 44 -7.17 6.41 -15.85
N TYR A 45 -8.46 6.65 -16.05
CA TYR A 45 -9.44 6.16 -15.08
C TYR A 45 -9.54 4.64 -15.07
N ALA A 46 -9.13 3.97 -16.14
CA ALA A 46 -9.03 2.51 -16.09
C ALA A 46 -7.70 2.08 -15.49
N GLY A 47 -6.60 2.64 -16.01
CA GLY A 47 -5.27 2.24 -15.54
C GLY A 47 -5.07 2.45 -14.05
N GLU A 48 -5.72 3.44 -13.47
CA GLU A 48 -5.54 3.73 -12.06
C GLU A 48 -6.58 3.04 -11.18
N ALA A 49 -7.54 2.34 -11.77
CA ALA A 49 -8.56 1.65 -11.02
C ALA A 49 -8.05 0.32 -10.48
N SER A 50 -8.61 -0.10 -9.34
CA SER A 50 -8.47 -1.49 -8.91
C SER A 50 -9.00 -2.43 -9.98
N GLY A 51 -8.21 -3.45 -10.30
CA GLY A 51 -8.58 -4.38 -11.35
C GLY A 51 -8.52 -3.71 -12.70
N ARG A 52 -7.91 -2.52 -12.77
CA ARG A 52 -7.74 -1.72 -13.99
C ARG A 52 -9.07 -1.46 -14.68
N SER A 53 -10.18 -1.45 -13.94
CA SER A 53 -11.44 -1.04 -14.54
C SER A 53 -12.35 -0.45 -13.46
N SER A 54 -13.28 0.40 -13.92
CA SER A 54 -14.33 0.90 -13.05
CA SER A 54 -14.31 0.99 -13.08
C SER A 54 -15.59 1.06 -13.89
N VAL A 55 -16.70 1.44 -13.23
CA VAL A 55 -17.95 1.70 -13.94
C VAL A 55 -18.23 3.18 -13.89
N TYR A 56 -18.37 3.79 -15.06
CA TYR A 56 -18.61 5.21 -15.23
C TYR A 56 -20.12 5.47 -15.21
N LEU A 57 -20.56 6.24 -14.22
CA LEU A 57 -21.94 6.71 -14.13
C LEU A 57 -21.98 8.16 -14.56
N ASP A 58 -22.82 8.47 -15.54
CA ASP A 58 -22.71 9.72 -16.26
C ASP A 58 -24.06 10.38 -16.53
N ALA A 59 -25.15 9.79 -16.05
CA ALA A 59 -26.47 10.33 -16.29
C ALA A 59 -27.32 9.96 -15.09
N THR A 60 -28.29 10.81 -14.78
CA THR A 60 -29.19 10.53 -13.67
C THR A 60 -29.84 9.17 -13.89
N GLY A 61 -29.82 8.35 -12.84
CA GLY A 61 -30.39 7.03 -12.89
C GLY A 61 -29.43 5.91 -13.23
N GLU A 62 -28.19 6.22 -13.57
CA GLU A 62 -27.22 5.16 -13.80
C GLU A 62 -26.71 4.65 -12.46
N TYR A 63 -26.49 3.33 -12.40
CA TYR A 63 -26.18 2.63 -11.17
C TYR A 63 -25.20 1.51 -11.43
N VAL A 64 -24.54 1.06 -10.36
CA VAL A 64 -23.94 -0.27 -10.30
C VAL A 64 -24.60 -1.00 -9.15
N GLU A 65 -25.02 -2.24 -9.40
CA GLU A 65 -25.74 -3.03 -8.39
C GLU A 65 -24.82 -4.12 -7.87
N PHE A 66 -24.42 -4.01 -6.60
CA PHE A 66 -23.63 -5.01 -5.90
C PHE A 66 -24.56 -5.96 -5.16
N THR A 67 -24.03 -7.15 -4.88
CA THR A 67 -24.76 -8.16 -4.11
C THR A 67 -23.89 -8.57 -2.93
N LEU A 68 -24.31 -8.23 -1.72
CA LEU A 68 -23.55 -8.58 -0.52
C LEU A 68 -23.30 -10.08 -0.45
N THR A 69 -22.04 -10.46 -0.27
CA THR A 69 -21.72 -11.86 -0.04
C THR A 69 -21.56 -12.17 1.45
N SER A 70 -21.68 -11.15 2.30
CA SER A 70 -21.51 -11.21 3.74
C SER A 70 -22.33 -10.05 4.31
N PRO A 71 -22.82 -10.17 5.56
CA PRO A 71 -23.58 -9.05 6.14
C PRO A 71 -22.77 -7.76 6.20
N ALA A 72 -23.47 -6.63 6.09
CA ALA A 72 -22.79 -5.34 6.09
C ALA A 72 -23.70 -4.25 6.63
N ASN A 73 -23.11 -3.39 7.45
CA ASN A 73 -23.72 -2.12 7.80
C ASN A 73 -22.82 -0.93 7.46
N ALA A 74 -21.64 -1.17 6.86
CA ALA A 74 -20.72 -0.06 6.56
C ALA A 74 -20.04 -0.30 5.22
N PHE A 75 -19.66 0.79 4.56
CA PHE A 75 -19.23 0.74 3.17
C PHE A 75 -18.13 1.74 2.94
N VAL A 76 -17.19 1.38 2.06
CA VAL A 76 -16.21 2.30 1.54
C VAL A 76 -16.31 2.24 0.02
N LEU A 77 -16.51 3.38 -0.60
CA LEU A 77 -16.66 3.46 -2.05
C LEU A 77 -15.41 4.14 -2.63
N ARG A 78 -14.60 3.36 -3.34
CA ARG A 78 -13.49 3.96 -4.07
C ARG A 78 -14.03 4.47 -5.41
N ASN A 79 -13.70 5.71 -5.74
CA ASN A 79 -14.40 6.42 -6.81
C ASN A 79 -13.51 7.52 -7.32
N ALA A 80 -13.85 8.03 -8.51
CA ALA A 80 -13.23 9.25 -9.04
C ALA A 80 -14.30 10.24 -9.44
N VAL A 81 -14.12 11.49 -9.02
CA VAL A 81 -14.98 12.58 -9.46
C VAL A 81 -14.10 13.68 -10.05
N ALA A 82 -14.76 14.69 -10.61
CA ALA A 82 -14.03 15.77 -11.26
C ALA A 82 -13.11 16.45 -10.27
N GLU A 83 -12.03 17.02 -10.79
CA GLU A 83 -11.16 17.85 -9.98
C GLU A 83 -11.95 18.98 -9.31
N ASN A 84 -11.54 19.32 -8.08
CA ASN A 84 -12.09 20.45 -7.32
C ASN A 84 -13.60 20.36 -7.15
N THR A 85 -14.09 19.17 -6.77
CA THR A 85 -15.51 19.03 -6.53
C THR A 85 -15.77 18.16 -5.32
N THR A 86 -16.91 18.45 -4.69
CA THR A 86 -17.45 17.67 -3.58
CA THR A 86 -17.44 17.65 -3.59
C THR A 86 -18.94 17.50 -3.84
N GLY A 87 -19.47 16.35 -3.44
CA GLY A 87 -20.89 16.14 -3.65
C GLY A 87 -21.30 14.79 -3.13
N THR A 88 -22.35 14.23 -3.71
CA THR A 88 -22.89 12.97 -3.24
C THR A 88 -23.08 11.99 -4.39
N VAL A 89 -23.20 10.72 -4.01
CA VAL A 89 -23.72 9.64 -4.83
C VAL A 89 -24.57 8.80 -3.86
N SER A 90 -25.70 8.28 -4.35
CA SER A 90 -26.68 7.65 -3.48
C SER A 90 -26.45 6.15 -3.32
N ILE A 91 -26.86 5.62 -2.18
CA ILE A 91 -26.79 4.20 -1.90
C ILE A 91 -28.22 3.69 -1.68
N TYR A 92 -28.51 2.53 -2.26
CA TYR A 92 -29.79 1.85 -2.13
C TYR A 92 -29.57 0.45 -1.60
N ALA A 93 -30.48 -0.01 -0.75
CA ALA A 93 -30.51 -1.39 -0.31
C ALA A 93 -31.83 -2.00 -0.78
N ASP A 94 -31.74 -3.05 -1.60
CA ASP A 94 -32.91 -3.74 -2.16
C ASP A 94 -33.92 -2.75 -2.72
N GLY A 95 -33.42 -1.78 -3.49
CA GLY A 95 -34.27 -0.87 -4.21
C GLY A 95 -34.76 0.32 -3.43
N VAL A 96 -34.49 0.40 -2.13
CA VAL A 96 -34.89 1.53 -1.30
C VAL A 96 -33.68 2.41 -1.04
N SER A 97 -33.80 3.71 -1.29
CA SER A 97 -32.70 4.61 -1.02
C SER A 97 -32.40 4.63 0.47
N LYS A 98 -31.10 4.61 0.81
CA LYS A 98 -30.68 4.57 2.21
C LYS A 98 -29.71 5.69 2.62
N GLY A 99 -29.31 6.57 1.71
CA GLY A 99 -28.43 7.66 2.10
C GLY A 99 -27.50 8.05 0.97
N LYS A 100 -26.46 8.80 1.34
CA LYS A 100 -25.57 9.42 0.37
C LYS A 100 -24.13 9.31 0.84
N PHE A 101 -23.27 8.80 -0.04
CA PHE A 101 -21.84 8.90 0.14
C PHE A 101 -21.39 10.33 -0.08
N ASN A 102 -20.43 10.77 0.73
CA ASN A 102 -19.79 12.07 0.61
C ASN A 102 -18.53 11.88 -0.25
N VAL A 103 -18.59 12.28 -1.51
CA VAL A 103 -17.50 12.02 -2.45
C VAL A 103 -16.79 13.34 -2.77
N SER A 104 -15.48 13.25 -2.98
CA SER A 104 -14.70 14.47 -3.13
C SER A 104 -13.38 14.16 -3.81
N SER A 105 -12.84 15.15 -4.51
CA SER A 105 -11.51 15.07 -5.08
C SER A 105 -10.51 15.90 -4.28
N LYS A 106 -10.89 16.31 -3.06
CA LYS A 106 -9.99 17.06 -2.18
C LYS A 106 -8.63 16.40 -2.06
N PHE A 107 -8.58 15.07 -1.96
CA PHE A 107 -7.30 14.40 -1.72
C PHE A 107 -6.72 13.72 -2.95
N SER A 108 -7.46 13.65 -4.06
CA SER A 108 -6.97 13.04 -5.28
C SER A 108 -6.43 14.12 -6.22
N TYR A 109 -5.98 13.69 -7.40
CA TYR A 109 -5.49 14.58 -8.45
C TYR A 109 -4.17 15.23 -8.07
N LEU A 110 -3.08 14.55 -8.43
CA LEU A 110 -1.72 15.06 -8.26
C LEU A 110 -1.12 15.15 -9.65
N TYR A 111 -0.32 16.20 -9.88
CA TYR A 111 0.03 16.61 -11.23
C TYR A 111 1.50 16.39 -11.52
N ALA A 112 1.76 15.89 -12.72
CA ALA A 112 3.12 15.65 -13.18
C ALA A 112 3.07 15.64 -14.70
N THR A 113 4.13 15.15 -15.33
CA THR A 113 4.19 14.92 -16.76
C THR A 113 4.76 13.53 -16.96
N PRO A 114 4.56 12.93 -18.14
CA PRO A 114 5.09 11.56 -18.34
C PRO A 114 6.60 11.45 -18.13
N SER A 115 7.35 12.52 -18.35
CA SER A 115 8.78 12.48 -18.15
C SER A 115 9.20 12.91 -16.74
N THR A 116 8.26 13.38 -15.92
CA THR A 116 8.57 13.79 -14.56
C THR A 116 7.72 13.01 -13.54
N LEU A 117 7.63 11.69 -13.74
CA LEU A 117 6.93 10.88 -12.75
C LEU A 117 7.64 10.84 -11.40
N GLY A 118 8.89 11.29 -11.34
CA GLY A 118 9.56 11.50 -10.08
C GLY A 118 8.80 12.47 -9.18
N ARG A 119 7.95 13.30 -9.78
CA ARG A 119 7.18 14.26 -9.02
C ARG A 119 5.84 13.71 -8.55
N LEU A 120 5.49 12.46 -8.90
CA LEU A 120 4.19 11.91 -8.52
C LEU A 120 3.97 12.07 -7.02
N GLY A 121 2.86 12.71 -6.65
CA GLY A 121 2.46 12.87 -5.27
C GLY A 121 2.89 14.18 -4.63
N TYR A 122 3.85 14.88 -5.22
CA TYR A 122 4.38 16.11 -4.64
C TYR A 122 3.57 17.34 -5.01
N ASP A 123 2.96 17.37 -6.19
CA ASP A 123 2.51 18.61 -6.80
C ASP A 123 1.01 18.55 -6.99
N ASN A 124 0.31 19.31 -6.15
CA ASN A 124 -1.14 19.27 -6.04
C ASN A 124 -1.86 20.27 -6.95
N ALA A 125 -1.13 21.17 -7.60
CA ALA A 125 -1.94 22.14 -8.33
C ALA A 125 -1.97 21.83 -9.82
N PRO A 126 -3.12 22.07 -10.48
CA PRO A 126 -3.15 21.94 -11.94
C PRO A 126 -2.24 22.97 -12.59
N GLY A 127 -1.92 22.73 -13.85
CA GLY A 127 -1.09 23.71 -14.53
C GLY A 127 -0.97 23.40 -16.00
N ALA A 128 -0.43 24.38 -16.72
CA ALA A 128 -0.22 24.26 -18.15
C ALA A 128 0.69 23.08 -18.45
N GLY A 129 0.20 22.16 -19.28
CA GLY A 129 0.96 20.99 -19.67
C GLY A 129 1.05 19.90 -18.62
N LEU A 130 0.36 20.04 -17.50
CA LEU A 130 0.42 19.02 -16.45
C LEU A 130 -0.72 18.03 -16.64
N THR A 131 -0.42 16.77 -16.36
CA THR A 131 -1.37 15.68 -16.42
C THR A 131 -1.79 15.31 -15.01
N ALA A 132 -3.07 15.01 -14.82
CA ALA A 132 -3.55 14.61 -13.52
C ALA A 132 -3.34 13.11 -13.31
N TYR A 133 -2.80 12.74 -12.15
CA TYR A 133 -2.64 11.37 -11.73
C TYR A 133 -3.25 11.22 -10.33
N TRP A 134 -3.24 9.99 -9.84
CA TRP A 134 -3.77 9.70 -8.51
C TRP A 134 -5.23 10.14 -8.45
N LEU A 135 -6.03 9.58 -9.37
CA LEU A 135 -7.38 10.06 -9.65
C LEU A 135 -8.44 9.55 -8.69
N TYR A 136 -8.24 8.42 -8.01
CA TYR A 136 -9.27 7.81 -7.20
C TYR A 136 -9.15 8.23 -5.73
N GLU A 137 -10.28 8.21 -5.03
CA GLU A 137 -10.33 8.42 -3.60
C GLU A 137 -11.56 7.70 -3.07
N ASP A 138 -11.83 7.86 -1.77
CA ASP A 138 -12.73 6.98 -1.05
C ASP A 138 -13.78 7.80 -0.31
N ALA A 139 -14.98 7.23 -0.18
CA ALA A 139 -16.01 7.78 0.68
C ALA A 139 -16.45 6.68 1.63
N GLN A 140 -16.55 7.00 2.91
CA GLN A 140 -16.93 6.05 3.95
C GLN A 140 -18.36 6.32 4.41
N LEU A 141 -19.15 5.26 4.57
CA LEU A 141 -20.52 5.45 5.03
C LEU A 141 -20.99 4.26 5.87
N MET A 142 -21.54 4.58 7.04
CA MET A 142 -22.20 3.58 7.88
C MET A 142 -23.71 3.80 7.85
N LEU A 143 -24.46 2.72 7.67
CA LEU A 143 -25.91 2.74 7.68
C LEU A 143 -26.47 2.22 9.01
N ASP A 144 -27.71 2.61 9.32
CA ASP A 144 -28.29 2.27 10.62
C ASP A 144 -28.91 0.88 10.66
N GLN A 145 -28.41 -0.04 9.84
CA GLN A 145 -28.98 -1.38 9.79
C GLN A 145 -27.94 -2.33 9.23
N VAL A 146 -27.88 -3.54 9.77
CA VAL A 146 -27.05 -4.59 9.18
C VAL A 146 -27.84 -5.26 8.07
N TYR A 147 -27.33 -5.18 6.83
CA TYR A 147 -28.02 -5.85 5.73
C TYR A 147 -27.42 -7.22 5.48
N PRO A 148 -28.27 -8.21 5.18
CA PRO A 148 -27.80 -9.59 5.09
C PRO A 148 -27.11 -9.88 3.76
N ALA A 149 -26.37 -10.99 3.73
CA ALA A 149 -25.84 -11.47 2.46
C ALA A 149 -26.99 -11.68 1.48
N GLY A 150 -26.73 -11.43 0.20
CA GLY A 150 -27.79 -11.41 -0.79
C GLY A 150 -28.50 -10.07 -0.96
N THR A 151 -28.27 -9.11 -0.07
CA THR A 151 -28.83 -7.77 -0.24
C THR A 151 -28.25 -7.11 -1.49
N LYS A 152 -29.12 -6.47 -2.27
CA LYS A 152 -28.69 -5.69 -3.44
C LYS A 152 -28.35 -4.28 -2.97
N ILE A 153 -27.06 -3.95 -3.01
CA ILE A 153 -26.56 -2.63 -2.64
C ILE A 153 -26.25 -1.88 -3.93
N LYS A 154 -27.03 -0.84 -4.22
CA LYS A 154 -26.92 -0.11 -5.47
C LYS A 154 -26.25 1.24 -5.22
N ILE A 155 -25.21 1.53 -6.00
CA ILE A 155 -24.62 2.85 -6.06
C ILE A 155 -25.20 3.53 -7.30
N GLN A 156 -25.94 4.61 -7.10
CA GLN A 156 -26.77 5.16 -8.15
C GLN A 156 -26.67 6.68 -8.13
N LYS A 157 -26.52 7.26 -9.31
CA LYS A 157 -26.44 8.69 -9.48
C LYS A 157 -27.86 9.25 -9.63
N ASP A 158 -28.34 9.96 -8.61
CA ASP A 158 -29.67 10.54 -8.61
C ASP A 158 -29.56 12.04 -8.85
N ALA A 159 -30.72 12.68 -9.02
CA ALA A 159 -30.75 14.14 -9.13
C ALA A 159 -30.14 14.76 -7.87
N GLY A 160 -29.28 15.75 -8.08
CA GLY A 160 -28.53 16.35 -7.00
C GLY A 160 -27.18 15.71 -6.72
N ASP A 161 -26.96 14.47 -7.15
CA ASP A 161 -25.66 13.82 -6.99
C ASP A 161 -24.65 14.44 -7.95
N VAL A 162 -23.40 13.96 -7.89
CA VAL A 162 -22.35 14.57 -8.72
C VAL A 162 -22.66 14.33 -10.19
N SER A 163 -22.07 15.18 -11.04
CA SER A 163 -22.40 15.16 -12.47
CA SER A 163 -22.41 15.16 -12.46
C SER A 163 -21.92 13.87 -13.14
N TRP A 164 -20.84 13.29 -12.64
CA TRP A 164 -20.34 12.02 -13.13
C TRP A 164 -19.42 11.44 -12.08
N ILE A 165 -19.33 10.11 -12.06
CA ILE A 165 -18.51 9.43 -11.06
C ILE A 165 -18.05 8.09 -11.63
N TYR A 166 -16.76 7.79 -11.47
CA TYR A 166 -16.25 6.46 -11.75
C TYR A 166 -16.32 5.65 -10.47
N VAL A 167 -17.00 4.51 -10.53
CA VAL A 167 -17.17 3.63 -9.38
C VAL A 167 -16.18 2.47 -9.54
N ASP A 168 -15.21 2.39 -8.63
CA ASP A 168 -14.10 1.44 -8.78
C ASP A 168 -14.36 0.15 -8.02
N LEU A 169 -14.54 0.25 -6.71
CA LEU A 169 -14.77 -0.93 -5.88
C LEU A 169 -15.62 -0.51 -4.69
N LEU A 170 -16.09 -1.50 -3.96
CA LEU A 170 -16.85 -1.27 -2.73
C LEU A 170 -16.31 -2.16 -1.63
N GLU A 171 -15.94 -1.57 -0.48
CA GLU A 171 -15.76 -2.36 0.72
C GLU A 171 -17.11 -2.55 1.42
N THR A 172 -17.36 -3.75 1.92
CA THR A 172 -18.53 -3.96 2.75
C THR A 172 -18.08 -4.56 4.07
N GLU A 173 -18.72 -4.15 5.15
CA GLU A 173 -18.24 -4.57 6.47
C GLU A 173 -19.40 -4.58 7.45
N ASN A 174 -19.39 -5.58 8.33
CA ASN A 174 -20.33 -5.66 9.44
C ASN A 174 -19.55 -5.22 10.67
N VAL A 175 -19.76 -3.95 11.05
CA VAL A 175 -19.03 -3.33 12.14
C VAL A 175 -19.79 -3.53 13.45
N ALA A 176 -19.10 -4.07 14.44
CA ALA A 176 -19.67 -4.24 15.77
C ALA A 176 -20.02 -2.88 16.38
N PRO A 177 -20.89 -2.87 17.39
CA PRO A 177 -21.13 -1.61 18.12
C PRO A 177 -19.85 -1.08 18.74
N PRO A 178 -19.75 0.22 18.98
CA PRO A 178 -18.51 0.76 19.55
C PRO A 178 -18.26 0.20 20.95
N GLN A 179 -16.98 0.02 21.29
CA GLN A 179 -16.62 -0.46 22.62
C GLN A 179 -16.45 0.72 23.59
N ALA A 180 -16.95 0.55 24.80
CA ALA A 180 -16.87 1.62 25.79
C ALA A 180 -15.47 1.66 26.41
N ASN A 181 -15.26 2.65 27.27
CA ASN A 181 -14.08 2.73 28.10
C ASN A 181 -13.92 1.41 28.85
N PRO A 182 -12.80 0.70 28.69
CA PRO A 182 -12.68 -0.59 29.39
C PRO A 182 -12.79 -0.45 30.90
N ASP A 183 -12.37 0.66 31.47
CA ASP A 183 -12.44 0.91 32.90
C ASP A 183 -12.06 2.37 33.14
N PRO A 184 -13.03 3.23 33.46
CA PRO A 184 -12.72 4.65 33.66
C PRO A 184 -11.79 4.91 34.83
N THR A 185 -11.62 3.96 35.75
CA THR A 185 -10.65 4.14 36.82
C THR A 185 -9.26 3.71 36.40
N LYS A 186 -9.09 3.24 35.16
CA LYS A 186 -7.77 2.96 34.62
C LYS A 186 -7.48 3.69 33.32
N TYR A 187 -8.51 4.15 32.59
CA TYR A 187 -8.32 4.90 31.34
C TYR A 187 -9.01 6.26 31.48
N VAL A 188 -8.23 7.33 31.45
CA VAL A 188 -8.77 8.67 31.47
C VAL A 188 -9.43 8.95 30.12
N ALA A 189 -10.72 9.28 30.14
CA ALA A 189 -11.47 9.46 28.93
C ALA A 189 -11.26 10.86 28.36
N VAL A 190 -10.92 10.92 27.07
CA VAL A 190 -11.11 12.12 26.29
C VAL A 190 -12.58 12.47 26.32
N SER A 191 -12.90 13.75 26.45
CA SER A 191 -14.28 14.17 26.58
C SER A 191 -14.46 15.45 25.78
N ALA A 192 -15.72 15.87 25.67
CA ALA A 192 -16.02 17.14 25.02
C ALA A 192 -15.22 18.29 25.63
N SER A 193 -14.82 18.15 26.90
CA SER A 193 -14.09 19.21 27.62
C SER A 193 -12.66 18.81 27.99
N LYS A 194 -12.22 17.60 27.69
CA LYS A 194 -10.89 17.14 28.10
C LYS A 194 -10.18 16.64 26.86
N SER A 195 -9.08 17.31 26.48
CA SER A 195 -8.40 17.01 25.23
C SER A 195 -7.62 15.70 25.37
N ILE A 196 -7.11 15.21 24.24
CA ILE A 196 -6.14 14.12 24.25
C ILE A 196 -4.94 14.48 25.13
N ASP A 197 -4.34 15.65 24.89
CA ASP A 197 -3.21 16.11 25.72
C ASP A 197 -3.58 16.18 27.19
N GLN A 198 -4.76 16.70 27.51
CA GLN A 198 -5.13 16.82 28.94
C GLN A 198 -5.28 15.45 29.59
N ALA A 199 -5.84 14.49 28.85
CA ALA A 199 -6.04 13.15 29.40
C ALA A 199 -4.71 12.45 29.61
N LEU A 200 -3.75 12.66 28.69
CA LEU A 200 -2.42 12.09 28.88
C LEU A 200 -1.71 12.67 30.10
N THR A 201 -1.86 13.98 30.34
CA THR A 201 -1.29 14.60 31.53
C THR A 201 -1.89 13.99 32.80
N GLU A 202 -3.21 13.85 32.83
CA GLU A 202 -3.83 13.18 33.96
C GLU A 202 -3.34 11.73 34.07
N PHE A 203 -3.21 11.03 32.94
CA PHE A 203 -2.64 9.69 32.97
C PHE A 203 -1.23 9.67 33.55
N ARG A 204 -0.35 10.55 33.07
CA ARG A 204 1.05 10.48 33.51
C ARG A 204 1.17 10.71 35.01
N GLN A 205 0.39 11.65 35.56
CA GLN A 205 0.46 12.03 36.96
C GLN A 205 -0.31 11.09 37.91
N ASP A 206 -1.00 10.08 37.40
CA ASP A 206 -1.77 9.16 38.24
C ASP A 206 -1.36 7.74 37.89
N ASN A 207 -0.55 7.13 38.77
CA ASN A 207 0.06 5.84 38.48
C ASN A 207 -0.93 4.70 38.50
N THR A 208 -2.19 4.94 38.89
CA THR A 208 -3.22 3.92 38.73
C THR A 208 -3.78 3.87 37.33
N LYS A 209 -3.48 4.86 36.48
CA LYS A 209 -3.99 4.86 35.12
C LYS A 209 -3.10 4.04 34.21
N LYS A 210 -3.71 3.24 33.33
CA LYS A 210 -2.97 2.54 32.30
C LYS A 210 -2.89 3.33 31.00
N GLY A 211 -3.70 4.36 30.84
CA GLY A 211 -3.68 5.12 29.60
C GLY A 211 -4.91 5.99 29.47
N ILE A 212 -5.30 6.23 28.23
CA ILE A 212 -6.43 7.09 27.92
C ILE A 212 -7.38 6.32 27.02
N TYR A 213 -8.66 6.69 27.10
CA TYR A 213 -9.71 6.15 26.26
C TYR A 213 -10.30 7.30 25.45
N ILE A 214 -10.39 7.11 24.14
CA ILE A 214 -10.90 8.14 23.24
C ILE A 214 -12.24 7.65 22.70
N PRO A 215 -13.35 8.24 23.12
CA PRO A 215 -14.68 7.71 22.77
C PRO A 215 -14.97 7.88 21.29
N ALA A 216 -16.08 7.25 20.87
CA ALA A 216 -16.63 7.53 19.56
C ALA A 216 -16.79 9.04 19.38
N GLY A 217 -16.41 9.53 18.20
CA GLY A 217 -16.56 10.92 17.89
C GLY A 217 -15.48 11.35 16.93
N GLU A 218 -15.44 12.65 16.68
CA GLU A 218 -14.40 13.26 15.87
C GLU A 218 -13.63 14.20 16.78
N TRP A 219 -12.34 13.94 16.91
CA TRP A 219 -11.49 14.62 17.89
C TRP A 219 -10.32 15.24 17.16
N THR A 220 -10.15 16.55 17.32
CA THR A 220 -9.08 17.25 16.64
C THR A 220 -7.72 16.74 17.09
N ILE A 221 -6.84 16.47 16.13
CA ILE A 221 -5.42 16.37 16.38
C ILE A 221 -4.78 17.50 15.58
N ASN A 222 -4.43 18.59 16.25
CA ASN A 222 -3.80 19.73 15.60
C ASN A 222 -2.34 19.90 16.02
N SER A 223 -1.73 18.84 16.54
CA SER A 223 -0.38 18.90 17.08
C SER A 223 0.22 17.50 17.04
N LYS A 224 1.52 17.43 17.24
CA LYS A 224 2.17 16.17 17.57
C LYS A 224 1.99 15.93 19.06
N ILE A 225 1.40 14.79 19.40
CA ILE A 225 0.99 14.49 20.75
C ILE A 225 2.04 13.56 21.32
N PHE A 226 2.80 14.06 22.30
CA PHE A 226 3.99 13.37 22.81
C PHE A 226 3.64 12.39 23.91
N LEU A 227 4.13 11.16 23.77
CA LEU A 227 3.96 10.12 24.77
C LEU A 227 5.28 9.94 25.50
N TYR A 228 5.26 10.19 26.80
CA TYR A 228 6.47 10.07 27.60
C TYR A 228 6.06 9.65 29.01
N GLY A 229 7.04 9.59 29.91
CA GLY A 229 6.77 9.21 31.28
C GLY A 229 6.85 7.71 31.46
N ARG A 230 5.93 6.98 30.85
CA ARG A 230 5.94 5.51 30.90
C ARG A 230 5.13 5.00 29.74
N ALA A 231 5.18 3.67 29.55
CA ALA A 231 4.36 3.01 28.55
C ALA A 231 2.90 3.41 28.71
N THR A 232 2.27 3.75 27.59
CA THR A 232 0.97 4.38 27.56
C THR A 232 0.03 3.53 26.72
N GLU A 233 -1.20 3.34 27.19
CA GLU A 233 -2.23 2.69 26.39
C GLU A 233 -3.16 3.78 25.84
N ILE A 234 -3.36 3.78 24.53
CA ILE A 234 -4.31 4.68 23.89
C ILE A 234 -5.34 3.80 23.20
N VAL A 235 -6.58 3.83 23.69
CA VAL A 235 -7.62 2.90 23.29
C VAL A 235 -8.80 3.69 22.77
N GLY A 236 -9.20 3.42 21.53
CA GLY A 236 -10.41 3.98 20.97
C GLY A 236 -11.59 3.03 21.09
N ALA A 237 -12.71 3.44 20.50
CA ALA A 237 -13.95 2.67 20.46
C ALA A 237 -14.02 1.75 19.26
N GLY A 238 -13.05 1.84 18.35
CA GLY A 238 -13.08 1.13 17.09
C GLY A 238 -12.83 2.11 15.97
N PRO A 239 -12.19 1.67 14.89
CA PRO A 239 -11.77 2.62 13.85
C PRO A 239 -12.93 3.27 13.11
N TRP A 240 -14.09 2.65 13.08
CA TRP A 240 -15.25 3.30 12.49
C TRP A 240 -15.88 4.34 13.42
N TYR A 241 -15.50 4.37 14.70
CA TYR A 241 -16.17 5.22 15.68
C TYR A 241 -15.28 6.34 16.21
N THR A 242 -14.07 6.01 16.65
CA THR A 242 -13.14 6.99 17.20
C THR A 242 -12.33 7.53 16.03
N LYS A 243 -12.58 8.78 15.67
CA LYS A 243 -11.92 9.43 14.53
C LYS A 243 -11.06 10.58 15.04
N LEU A 244 -9.75 10.46 14.87
CA LEU A 244 -8.82 11.57 15.11
C LEU A 244 -8.71 12.36 13.81
N VAL A 245 -8.99 13.66 13.87
CA VAL A 245 -9.14 14.42 12.62
C VAL A 245 -8.21 15.62 12.66
N ALA A 246 -7.29 15.66 11.72
CA ALA A 246 -6.48 16.85 11.53
C ALA A 246 -7.37 17.97 11.00
N PRO A 247 -7.14 19.22 11.41
CA PRO A 247 -8.04 20.30 10.99
C PRO A 247 -8.13 20.37 9.48
N GLN A 248 -9.30 20.05 8.93
CA GLN A 248 -9.44 19.85 7.50
C GLN A 248 -9.41 21.15 6.72
N SER A 249 -9.61 22.30 7.38
CA SER A 249 -9.38 23.55 6.68
C SER A 249 -7.90 23.94 6.63
N GLN A 250 -7.02 23.20 7.29
CA GLN A 250 -5.58 23.31 7.07
C GLN A 250 -5.11 22.22 6.11
N SER A 251 -3.86 22.32 5.65
CA SER A 251 -3.30 21.30 4.77
CA SER A 251 -3.30 21.33 4.75
C SER A 251 -1.88 20.97 5.17
N ASN A 252 -1.55 19.68 5.08
CA ASN A 252 -0.20 19.19 5.38
C ASN A 252 0.26 19.59 6.79
N THR A 253 -0.61 19.40 7.78
CA THR A 253 -0.24 19.64 9.17
C THR A 253 0.37 18.38 9.78
N ASP A 254 1.56 18.53 10.39
CA ASP A 254 2.30 17.42 10.99
C ASP A 254 1.70 17.13 12.36
N VAL A 255 0.75 16.18 12.39
CA VAL A 255 0.02 15.87 13.62
C VAL A 255 0.01 14.36 13.80
N GLY A 256 -0.36 13.92 14.99
CA GLY A 256 -0.30 12.50 15.32
C GLY A 256 0.39 12.27 16.66
N PHE A 257 1.11 11.17 16.78
CA PHE A 257 1.77 10.87 18.04
C PHE A 257 3.28 10.87 17.84
N ASN A 258 3.98 11.24 18.90
CA ASN A 258 5.43 11.12 18.95
C ASN A 258 5.78 10.40 20.25
N ILE A 259 6.35 9.20 20.13
CA ILE A 259 6.58 8.32 21.26
C ILE A 259 8.03 8.53 21.72
N SER A 260 8.21 9.21 22.85
CA SER A 260 9.57 9.30 23.40
C SER A 260 9.98 7.97 24.02
N ALA A 261 11.29 7.78 24.19
CA ALA A 261 11.81 6.51 24.70
C ALA A 261 11.14 6.09 26.00
N ALA A 262 10.77 7.05 26.85
CA ALA A 262 10.15 6.71 28.14
C ALA A 262 8.89 5.90 27.93
N ALA A 263 8.19 6.11 26.81
CA ALA A 263 6.94 5.45 26.48
C ALA A 263 7.14 4.26 25.55
N ASN A 264 8.35 3.72 25.47
CA ASN A 264 8.50 2.41 24.84
C ASN A 264 7.57 1.42 25.53
N GLY A 265 7.06 0.45 24.77
CA GLY A 265 6.09 -0.47 25.31
C GLY A 265 4.64 0.01 25.25
N SER A 266 4.40 1.18 24.68
CA SER A 266 3.06 1.72 24.57
C SER A 266 2.24 0.92 23.56
N THR A 267 0.92 1.14 23.59
CA THR A 267 -0.05 0.52 22.70
C THR A 267 -1.02 1.59 22.23
N ILE A 268 -1.29 1.63 20.94
CA ILE A 268 -2.29 2.50 20.34
C ILE A 268 -3.21 1.60 19.53
N ARG A 269 -4.52 1.68 19.80
CA ARG A 269 -5.38 0.72 19.11
C ARG A 269 -6.82 1.21 19.01
N ASP A 270 -7.50 0.68 17.99
CA ASP A 270 -8.95 0.70 17.88
C ASP A 270 -9.45 2.12 17.60
N LEU A 271 -8.81 2.79 16.64
CA LEU A 271 -9.21 4.13 16.28
C LEU A 271 -8.82 4.38 14.84
N SER A 272 -9.34 5.45 14.28
CA SER A 272 -8.92 5.88 12.95
C SER A 272 -8.32 7.27 13.07
N ALA A 273 -7.49 7.63 12.09
CA ALA A 273 -6.82 8.93 12.08
C ALA A 273 -6.88 9.48 10.67
N TRP A 274 -7.41 10.71 10.52
CA TRP A 274 -7.71 11.30 9.23
C TRP A 274 -6.85 12.55 9.03
N GLY A 275 -5.73 12.41 8.31
CA GLY A 275 -4.82 13.52 8.14
C GLY A 275 -5.36 14.58 7.18
N ASN A 276 -4.61 15.67 7.04
CA ASN A 276 -5.01 16.73 6.12
C ASN A 276 -3.96 16.98 5.05
N TYR A 277 -3.05 16.04 4.87
CA TYR A 277 -2.08 16.12 3.80
C TYR A 277 -2.77 15.97 2.46
N ILE A 278 -2.40 16.82 1.52
CA ILE A 278 -2.89 16.77 0.14
C ILE A 278 -1.77 16.61 -0.86
N ASN A 279 -0.53 16.50 -0.39
CA ASN A 279 0.59 16.20 -1.26
C ASN A 279 1.72 15.73 -0.36
N ARG A 280 2.72 15.13 -0.99
CA ARG A 280 3.82 14.54 -0.22
C ARG A 280 4.73 15.64 0.31
N VAL A 281 5.16 15.48 1.56
CA VAL A 281 6.17 16.34 2.17
C VAL A 281 7.19 15.44 2.84
N ASP A 282 8.48 15.69 2.58
CA ASP A 282 9.54 14.82 3.09
C ASP A 282 10.13 15.41 4.36
N GLY A 283 10.01 14.67 5.47
CA GLY A 283 10.39 15.15 6.77
C GLY A 283 9.23 14.97 7.72
N PRO A 284 8.33 15.94 7.75
CA PRO A 284 7.09 15.76 8.53
C PRO A 284 6.14 14.78 7.85
N GLY A 285 5.09 14.42 8.56
CA GLY A 285 3.95 13.79 7.94
C GLY A 285 3.72 12.34 8.28
N LYS A 286 4.51 11.75 9.17
CA LYS A 286 4.23 10.39 9.66
C LYS A 286 3.25 10.48 10.82
N PHE A 287 2.18 9.68 10.76
CA PHE A 287 1.18 9.71 11.82
C PHE A 287 1.80 9.37 13.17
N ILE A 288 2.65 8.34 13.21
CA ILE A 288 3.40 8.00 14.42
C ILE A 288 4.87 8.30 14.18
N ASP A 289 5.42 9.20 14.99
CA ASP A 289 6.87 9.34 15.15
C ASP A 289 7.31 8.51 16.35
N GLY A 290 8.34 7.68 16.13
CA GLY A 290 8.85 6.82 17.18
C GLY A 290 10.33 6.52 16.99
N ASN A 291 11.16 7.54 17.18
CA ASN A 291 12.60 7.50 17.01
C ASN A 291 13.23 6.37 17.82
N GLY A 292 13.53 5.23 17.18
CA GLY A 292 14.18 4.14 17.88
C GLY A 292 13.31 3.40 18.89
N MET A 293 11.99 3.44 18.71
CA MET A 293 11.07 2.92 19.73
C MET A 293 11.12 1.40 19.78
N GLN A 294 10.76 0.87 20.95
CA GLN A 294 10.84 -0.57 21.20
C GLN A 294 9.55 -1.04 21.83
N ASN A 295 9.13 -2.25 21.46
CA ASN A 295 8.01 -2.95 22.09
C ASN A 295 6.70 -2.18 22.01
N VAL A 296 6.55 -1.30 21.05
CA VAL A 296 5.30 -0.57 20.85
C VAL A 296 4.37 -1.42 19.99
N THR A 297 3.09 -1.42 20.33
CA THR A 297 2.08 -2.12 19.56
C THR A 297 1.11 -1.11 18.95
N VAL A 298 0.90 -1.22 17.64
CA VAL A 298 -0.04 -0.40 16.90
C VAL A 298 -1.02 -1.35 16.21
N GLN A 299 -2.27 -1.36 16.68
CA GLN A 299 -3.20 -2.44 16.38
C GLN A 299 -4.59 -1.92 16.01
N ASN A 300 -5.18 -2.47 14.96
CA ASN A 300 -6.55 -2.13 14.55
C ASN A 300 -6.77 -0.60 14.45
N ILE A 301 -5.84 0.07 13.79
CA ILE A 301 -6.07 1.47 13.49
C ILE A 301 -6.12 1.63 11.98
N TRP A 302 -6.76 2.72 11.56
CA TRP A 302 -7.08 2.98 10.16
C TRP A 302 -6.67 4.42 9.90
N VAL A 303 -5.66 4.61 9.06
CA VAL A 303 -5.05 5.92 8.87
CA VAL A 303 -5.00 5.91 8.87
C VAL A 303 -5.08 6.29 7.39
N GLU A 304 -5.40 7.55 7.12
CA GLU A 304 -5.41 8.04 5.74
C GLU A 304 -4.84 9.44 5.68
N HIS A 305 -4.30 9.81 4.51
CA HIS A 305 -3.94 11.19 4.18
C HIS A 305 -2.87 11.73 5.13
N PHE A 306 -1.92 10.88 5.46
CA PHE A 306 -0.62 11.25 6.01
C PHE A 306 0.43 10.89 4.98
N VAL A 307 1.67 11.32 5.23
CA VAL A 307 2.75 10.89 4.35
C VAL A 307 3.02 9.41 4.54
N CYS A 308 3.18 8.99 5.79
CA CYS A 308 3.34 7.57 6.14
C CYS A 308 2.54 7.28 7.40
N LEU A 309 2.30 5.99 7.65
CA LEU A 309 1.87 5.63 9.00
C LEU A 309 3.04 5.68 9.97
N TYR A 310 4.18 5.10 9.61
CA TYR A 310 5.33 5.02 10.50
C TYR A 310 6.59 4.79 9.69
N TRP A 311 7.68 5.46 10.08
CA TRP A 311 8.98 5.33 9.41
C TRP A 311 10.01 5.04 10.49
N GLY A 312 10.26 3.75 10.73
CA GLY A 312 11.13 3.36 11.81
C GLY A 312 12.59 3.65 11.50
N VAL A 313 13.31 4.09 12.53
CA VAL A 313 14.75 4.25 12.47
C VAL A 313 15.30 3.55 13.71
N ASN A 314 15.94 2.39 13.50
CA ASN A 314 16.46 1.58 14.61
C ASN A 314 15.36 1.31 15.63
N SER A 315 14.18 1.02 15.13
CA SER A 315 13.03 0.66 15.96
C SER A 315 12.87 -0.85 15.93
N SER A 316 12.81 -1.45 17.10
CA SER A 316 12.88 -2.91 17.16
C SER A 316 11.82 -3.46 18.10
N TYR A 317 11.47 -4.72 17.87
CA TYR A 317 10.53 -5.45 18.71
C TYR A 317 9.13 -4.83 18.73
N ASN A 318 8.79 -4.04 17.71
CA ASN A 318 7.46 -3.43 17.67
C ASN A 318 6.51 -4.33 16.89
N THR A 319 5.22 -4.09 17.08
CA THR A 319 4.16 -4.86 16.42
C THR A 319 3.18 -3.92 15.77
N PHE A 320 3.01 -4.05 14.45
CA PHE A 320 1.95 -3.39 13.70
C PHE A 320 1.02 -4.47 13.18
N LYS A 321 -0.22 -4.50 13.69
CA LYS A 321 -1.11 -5.64 13.48
C LYS A 321 -2.53 -5.15 13.18
N ASN A 322 -3.17 -5.73 12.17
CA ASN A 322 -4.59 -5.47 11.88
C ASN A 322 -4.89 -4.05 11.44
N ASN A 323 -3.91 -3.35 10.88
CA ASN A 323 -4.12 -1.94 10.55
C ASN A 323 -4.59 -1.79 9.10
N ARG A 324 -5.22 -0.65 8.83
CA ARG A 324 -5.61 -0.26 7.47
C ARG A 324 -4.91 1.04 7.13
N ILE A 325 -4.13 1.04 6.05
CA ILE A 325 -3.34 2.19 5.64
C ILE A 325 -3.79 2.54 4.23
N LYS A 326 -4.50 3.65 4.09
CA LYS A 326 -5.09 3.98 2.78
C LYS A 326 -4.79 5.42 2.39
N ASN A 327 -4.46 5.62 1.11
CA ASN A 327 -4.36 6.94 0.50
C ASN A 327 -3.34 7.83 1.22
N THR A 328 -2.11 7.32 1.31
CA THR A 328 -1.01 8.09 1.86
C THR A 328 -0.19 8.67 0.74
N PHE A 329 0.71 9.59 1.09
CA PHE A 329 1.46 10.25 0.03
C PHE A 329 2.88 9.74 -0.11
N ALA A 330 3.31 8.86 0.80
CA ALA A 330 4.55 8.10 0.58
C ALA A 330 4.35 6.69 1.14
N ASP A 331 5.39 6.13 1.75
CA ASP A 331 5.34 4.75 2.23
C ASP A 331 4.19 4.51 3.20
N GLY A 332 3.71 3.28 3.26
CA GLY A 332 2.76 2.93 4.31
C GLY A 332 3.50 2.74 5.63
N ILE A 333 4.30 1.69 5.72
CA ILE A 333 5.20 1.45 6.83
C ILE A 333 6.59 1.19 6.27
N ASN A 334 7.61 1.84 6.81
CA ASN A 334 8.99 1.55 6.45
C ASN A 334 9.78 1.40 7.74
N MET A 335 10.77 0.51 7.74
CA MET A 335 11.60 0.27 8.92
C MET A 335 13.06 0.34 8.47
N THR A 336 13.84 1.23 9.07
CA THR A 336 15.18 1.50 8.55
C THR A 336 16.24 1.45 9.63
N ASN A 337 17.50 1.46 9.17
CA ASN A 337 18.66 1.83 9.98
C ASN A 337 18.73 1.04 11.28
N GLY A 338 18.62 -0.28 11.16
CA GLY A 338 18.78 -1.18 12.28
C GLY A 338 17.50 -1.76 12.84
N SER A 339 16.35 -1.48 12.22
CA SER A 339 15.07 -1.89 12.77
C SER A 339 14.94 -3.40 12.65
N SER A 340 14.88 -4.08 13.80
CA SER A 340 14.97 -5.53 13.84
C SER A 340 13.87 -6.14 14.69
N TYR A 341 13.54 -7.39 14.35
CA TYR A 341 12.65 -8.23 15.15
C TYR A 341 11.28 -7.59 15.34
N ASN A 342 10.81 -6.89 14.30
CA ASN A 342 9.48 -6.31 14.30
C ASN A 342 8.47 -7.27 13.68
N VAL A 343 7.21 -7.08 14.04
CA VAL A 343 6.11 -7.94 13.64
C VAL A 343 5.12 -7.03 12.89
N ILE A 344 5.25 -7.00 11.57
CA ILE A 344 4.33 -6.26 10.71
C ILE A 344 3.38 -7.32 10.17
N ASP A 345 2.24 -7.50 10.83
CA ASP A 345 1.40 -8.65 10.59
C ASP A 345 -0.05 -8.25 10.32
N ASN A 346 -0.63 -8.85 9.28
CA ASN A 346 -2.05 -8.71 8.98
C ASN A 346 -2.45 -7.25 8.84
N ASN A 347 -1.74 -6.52 7.97
CA ASN A 347 -2.11 -5.14 7.65
C ASN A 347 -2.53 -5.03 6.20
N TYR A 348 -3.48 -4.13 5.94
CA TYR A 348 -4.01 -3.88 4.61
C TYR A 348 -3.65 -2.46 4.17
N ALA A 349 -3.11 -2.33 2.96
CA ALA A 349 -2.72 -1.05 2.41
C ALA A 349 -3.30 -0.90 1.01
N ARG A 350 -3.95 0.24 0.75
CA ARG A 350 -4.44 0.58 -0.58
C ARG A 350 -4.14 2.04 -0.84
N GLY A 351 -3.57 2.34 -1.99
CA GLY A 351 -3.33 3.71 -2.37
C GLY A 351 -2.17 4.41 -1.67
N THR A 352 -1.10 3.69 -1.31
CA THR A 352 0.05 4.36 -0.72
C THR A 352 0.74 5.21 -1.78
N GLY A 353 1.56 6.16 -1.33
CA GLY A 353 2.23 7.07 -2.25
C GLY A 353 3.65 6.70 -2.62
N ALA A 354 4.17 5.64 -1.98
CA ALA A 354 5.46 5.04 -2.28
C ALA A 354 5.36 3.59 -1.82
N ASP A 355 6.50 2.88 -1.73
CA ASP A 355 6.50 1.49 -1.22
C ASP A 355 5.48 1.32 -0.10
N SER A 356 4.54 0.40 -0.27
CA SER A 356 3.51 0.24 0.75
C SER A 356 4.11 -0.31 2.03
N PHE A 357 4.80 -1.44 1.95
CA PHE A 357 5.53 -2.02 3.08
C PHE A 357 6.99 -2.15 2.69
N ALA A 358 7.87 -1.50 3.44
CA ALA A 358 9.28 -1.47 3.06
C ALA A 358 10.19 -1.75 4.24
N LEU A 359 11.37 -2.28 3.95
CA LEU A 359 12.40 -2.58 4.95
C LEU A 359 13.71 -2.10 4.35
N PHE A 360 14.27 -1.02 4.89
CA PHE A 360 15.50 -0.46 4.35
C PHE A 360 16.61 -0.64 5.37
N SER A 361 17.61 -1.44 5.02
CA SER A 361 18.65 -1.82 5.96
C SER A 361 19.87 -0.92 5.74
N ALA A 362 20.35 -0.29 6.80
CA ALA A 362 21.44 0.67 6.70
C ALA A 362 22.19 0.73 8.03
N THR A 363 23.03 1.75 8.18
CA THR A 363 23.67 2.05 9.46
C THR A 363 23.79 3.57 9.61
N GLY A 367 25.17 -1.38 14.29
CA GLY A 367 23.94 -1.97 13.77
C GLY A 367 24.02 -2.33 12.29
N SER A 368 24.60 -3.50 12.01
CA SER A 368 24.98 -3.85 10.64
C SER A 368 23.78 -3.89 9.70
N TYR A 369 22.69 -4.52 10.14
CA TYR A 369 21.56 -4.83 9.27
C TYR A 369 20.25 -4.71 10.04
N ASN A 370 19.16 -4.58 9.29
CA ASN A 370 17.85 -4.94 9.81
C ASN A 370 17.71 -6.46 9.76
N VAL A 371 17.46 -7.10 10.90
CA VAL A 371 17.35 -8.55 10.92
C VAL A 371 16.12 -9.00 11.68
N GLY A 372 15.74 -10.26 11.43
CA GLY A 372 14.70 -10.93 12.20
C GLY A 372 13.31 -10.36 12.07
N ASN A 373 13.07 -9.47 11.11
CA ASN A 373 11.73 -8.94 10.91
C ASN A 373 10.83 -9.94 10.21
N LYS A 374 9.53 -9.82 10.45
CA LYS A 374 8.52 -10.69 9.86
C LYS A 374 7.39 -9.82 9.35
N TYR A 375 7.28 -9.73 8.02
CA TYR A 375 6.19 -9.04 7.33
C TYR A 375 5.26 -10.14 6.85
N THR A 376 4.15 -10.33 7.55
CA THR A 376 3.31 -11.50 7.34
C THR A 376 1.87 -11.10 7.08
N ASN A 377 1.22 -11.84 6.21
CA ASN A 377 -0.22 -11.68 5.98
C ASN A 377 -0.54 -10.23 5.59
N LEU A 378 0.18 -9.72 4.59
CA LEU A 378 0.12 -8.32 4.18
C LEU A 378 -0.56 -8.17 2.82
N THR A 379 -1.43 -7.18 2.70
CA THR A 379 -2.07 -6.84 1.43
C THR A 379 -1.72 -5.40 1.06
N ALA A 380 -1.29 -5.20 -0.19
CA ALA A 380 -0.86 -3.88 -0.66
C ALA A 380 -1.32 -3.72 -2.10
N THR A 381 -2.34 -2.87 -2.31
CA THR A 381 -2.95 -2.71 -3.63
C THR A 381 -2.99 -1.23 -4.00
N ASN A 382 -3.21 -0.99 -5.28
CA ASN A 382 -3.30 0.37 -5.84
C ASN A 382 -2.14 1.23 -5.39
N VAL A 383 -0.93 0.71 -5.57
CA VAL A 383 0.28 1.41 -5.14
C VAL A 383 0.55 2.52 -6.13
N ARG A 384 0.41 3.77 -5.70
CA ARG A 384 0.35 4.87 -6.65
C ARG A 384 1.74 5.31 -7.10
N ARG A 385 2.79 4.74 -6.50
CA ARG A 385 4.17 4.95 -6.94
C ARG A 385 5.01 3.93 -6.20
N ALA A 386 6.09 3.46 -6.84
CA ALA A 386 6.97 2.46 -6.24
C ALA A 386 6.22 1.14 -6.05
N ALA A 387 6.67 0.30 -5.11
CA ALA A 387 6.27 -1.10 -5.08
C ALA A 387 5.27 -1.41 -3.96
N ALA A 388 4.53 -2.51 -4.16
CA ALA A 388 3.70 -3.03 -3.08
C ALA A 388 4.55 -3.44 -1.87
N PHE A 389 5.61 -4.20 -2.11
CA PHE A 389 6.55 -4.62 -1.06
C PHE A 389 7.97 -4.36 -1.54
N ALA A 390 8.82 -3.85 -0.64
CA ALA A 390 10.20 -3.56 -1.02
C ALA A 390 11.17 -3.87 0.12
N VAL A 391 12.24 -4.58 -0.19
CA VAL A 391 13.27 -4.89 0.80
C VAL A 391 14.63 -4.50 0.22
N TYR A 392 15.34 -3.64 0.93
CA TYR A 392 16.61 -3.06 0.53
C TYR A 392 17.67 -3.58 1.50
N GLY A 393 18.43 -4.59 1.09
CA GLY A 393 19.42 -5.18 1.97
C GLY A 393 18.77 -5.87 3.17
N GLY A 394 19.61 -6.14 4.17
CA GLY A 394 19.19 -6.80 5.38
C GLY A 394 19.57 -8.27 5.39
N SER A 395 19.30 -8.91 6.53
CA SER A 395 19.63 -10.31 6.69
C SER A 395 18.56 -10.96 7.56
N ASP A 396 18.17 -12.19 7.21
CA ASP A 396 17.24 -12.98 8.01
C ASP A 396 15.90 -12.25 8.22
N ASN A 397 15.32 -11.82 7.12
CA ASN A 397 14.03 -11.15 7.10
C ASN A 397 13.06 -11.96 6.27
N LEU A 398 11.84 -12.09 6.79
CA LEU A 398 10.82 -12.94 6.18
C LEU A 398 9.66 -12.08 5.68
N PHE A 399 9.26 -12.28 4.43
CA PHE A 399 8.05 -11.69 3.86
C PHE A 399 7.16 -12.87 3.45
N GLN A 400 6.05 -13.05 4.14
CA GLN A 400 5.30 -14.29 4.03
C GLN A 400 3.81 -14.01 3.90
N ASN A 401 3.17 -14.72 2.97
CA ASN A 401 1.73 -14.61 2.72
C ASN A 401 1.34 -13.19 2.33
N LEU A 402 1.80 -12.80 1.14
CA LEU A 402 1.61 -11.45 0.63
C LEU A 402 0.61 -11.44 -0.52
N TYR A 403 -0.15 -10.36 -0.61
CA TYR A 403 -0.96 -10.06 -1.78
C TYR A 403 -0.65 -8.65 -2.23
N GLY A 404 -0.18 -8.50 -3.45
CA GLY A 404 0.08 -7.19 -4.03
C GLY A 404 -0.61 -7.11 -5.37
N ALA A 405 -1.18 -5.95 -5.67
CA ALA A 405 -1.85 -5.80 -6.96
C ALA A 405 -1.89 -4.35 -7.40
N ASP A 406 -1.85 -4.16 -8.72
CA ASP A 406 -2.17 -2.89 -9.38
C ASP A 406 -1.20 -1.78 -8.99
N THR A 407 0.07 -2.03 -9.31
CA THR A 407 1.12 -1.04 -9.14
C THR A 407 1.10 -0.07 -10.30
N LEU A 408 1.14 1.24 -10.01
CA LEU A 408 1.11 2.19 -11.11
C LEU A 408 2.44 2.23 -11.88
N THR A 409 3.57 2.22 -11.18
CA THR A 409 4.87 2.48 -11.88
C THR A 409 6.03 1.54 -11.51
N TYR A 410 5.79 0.46 -10.77
CA TYR A 410 6.95 -0.33 -10.27
C TYR A 410 6.51 -1.76 -9.95
N PRO A 411 7.43 -2.63 -9.53
CA PRO A 411 7.12 -4.01 -9.27
C PRO A 411 6.18 -4.28 -8.09
N GLY A 412 5.62 -5.48 -8.13
CA GLY A 412 4.95 -5.97 -6.93
C GLY A 412 5.92 -6.06 -5.76
N ILE A 413 7.11 -6.60 -6.01
CA ILE A 413 8.14 -6.78 -5.00
C ILE A 413 9.48 -6.32 -5.55
N THR A 414 10.09 -5.37 -4.87
CA THR A 414 11.44 -4.92 -5.15
C THR A 414 12.40 -5.57 -4.15
N ILE A 415 13.47 -6.15 -4.67
CA ILE A 415 14.54 -6.76 -3.87
C ILE A 415 15.80 -6.13 -4.41
N SER A 416 16.37 -5.18 -3.67
CA SER A 416 17.42 -4.30 -4.18
C SER A 416 18.56 -4.18 -3.20
N SER A 417 19.79 -4.31 -3.70
CA SER A 417 20.97 -4.02 -2.91
C SER A 417 21.59 -2.69 -3.30
N TYR A 418 20.79 -1.79 -3.86
CA TYR A 418 21.26 -0.44 -4.12
C TYR A 418 21.30 0.35 -2.81
N SER A 419 22.36 1.15 -2.63
CA SER A 419 22.59 1.84 -1.37
C SER A 419 21.91 3.20 -1.27
N PHE A 420 21.47 3.78 -2.39
CA PHE A 420 20.89 5.12 -2.43
C PHE A 420 21.79 6.16 -1.78
N GLY A 421 23.11 5.94 -1.84
CA GLY A 421 24.05 6.86 -1.27
C GLY A 421 24.24 6.73 0.23
N TYR A 422 23.36 6.02 0.93
CA TYR A 422 23.53 5.85 2.35
C TYR A 422 24.53 4.74 2.65
N ASN A 423 24.87 4.63 3.93
CA ASN A 423 25.89 3.68 4.37
C ASN A 423 25.21 2.37 4.70
N THR A 424 25.34 1.40 3.80
CA THR A 424 24.75 0.08 4.00
C THR A 424 25.65 -0.98 3.41
N LEU A 425 25.53 -2.21 3.93
CA LEU A 425 26.30 -3.34 3.44
C LEU A 425 25.53 -4.25 2.48
N GLY A 426 24.27 -3.94 2.19
CA GLY A 426 23.47 -4.79 1.31
C GLY A 426 22.86 -5.98 2.04
N PHE A 427 22.73 -7.09 1.32
CA PHE A 427 22.16 -8.28 1.94
C PHE A 427 23.23 -9.02 2.75
N GLY A 428 22.78 -9.69 3.80
CA GLY A 428 23.65 -10.36 4.75
C GLY A 428 23.85 -11.82 4.42
N ASP A 429 24.27 -12.58 5.43
CA ASP A 429 24.61 -13.98 5.23
C ASP A 429 23.48 -14.93 5.56
N GLN A 430 22.30 -14.41 5.95
CA GLN A 430 21.15 -15.25 6.18
C GLN A 430 20.02 -14.82 5.24
N ASP A 431 19.21 -15.79 4.86
CA ASP A 431 18.25 -15.61 3.77
C ASP A 431 17.29 -14.47 4.04
N THR A 432 17.06 -13.66 3.01
CA THR A 432 15.85 -12.87 2.90
C THR A 432 14.84 -13.68 2.11
N VAL A 433 13.71 -14.00 2.73
CA VAL A 433 12.76 -14.97 2.20
C VAL A 433 11.47 -14.27 1.79
N ILE A 434 11.06 -14.51 0.55
CA ILE A 434 9.70 -14.23 0.08
C ILE A 434 9.02 -15.57 -0.07
N ASP A 435 7.96 -15.80 0.70
CA ASP A 435 7.34 -17.13 0.77
C ASP A 435 5.82 -16.99 0.83
N GLY A 436 5.15 -17.31 -0.28
CA GLY A 436 3.71 -17.19 -0.33
C GLY A 436 3.29 -15.81 -0.79
N ALA A 437 3.07 -15.61 -2.08
CA ALA A 437 2.69 -14.29 -2.56
C ALA A 437 1.90 -14.41 -3.84
N THR A 438 0.89 -13.55 -3.98
CA THR A 438 0.10 -13.43 -5.20
C THR A 438 0.20 -12.00 -5.69
N LEU A 439 0.62 -11.82 -6.94
CA LEU A 439 0.92 -10.50 -7.47
C LEU A 439 0.15 -10.32 -8.78
N ASP A 440 -0.90 -9.50 -8.74
CA ASP A 440 -1.81 -9.34 -9.88
C ASP A 440 -1.59 -7.99 -10.52
N ARG A 441 -1.34 -8.00 -11.83
CA ARG A 441 -1.18 -6.78 -12.61
C ARG A 441 -0.17 -5.82 -11.96
N THR A 442 1.02 -6.35 -11.64
CA THR A 442 2.07 -5.52 -11.07
C THR A 442 3.18 -5.28 -12.09
N GLY A 443 4.06 -4.35 -11.76
CA GLY A 443 5.00 -3.79 -12.72
C GLY A 443 4.57 -2.41 -13.18
N GLY A 444 5.38 -1.81 -14.04
CA GLY A 444 5.07 -0.49 -14.55
C GLY A 444 6.28 0.15 -15.21
N ASP A 445 6.12 1.44 -15.51
CA ASP A 445 7.14 2.25 -16.15
C ASP A 445 7.69 3.26 -15.16
N PHE A 446 9.01 3.45 -15.19
CA PHE A 446 9.66 4.47 -14.38
C PHE A 446 11.06 4.68 -14.94
N TRP A 447 11.68 5.80 -14.55
CA TRP A 447 13.02 6.18 -15.00
C TRP A 447 13.05 6.35 -16.51
N THR A 448 14.25 6.32 -17.10
CA THR A 448 14.42 6.49 -18.55
C THR A 448 15.25 5.35 -19.11
N SER A 449 15.01 5.02 -20.37
CA SER A 449 15.74 3.93 -21.04
C SER A 449 16.46 4.43 -22.29
N VAL A 450 17.21 5.51 -22.17
CA VAL A 450 17.93 6.05 -23.32
C VAL A 450 19.04 5.08 -23.69
N GLY A 451 19.06 4.66 -24.94
CA GLY A 451 20.06 3.71 -25.39
C GLY A 451 19.83 2.29 -24.95
N ALA A 452 18.67 2.00 -24.37
CA ALA A 452 18.42 0.69 -23.79
C ALA A 452 18.24 -0.37 -24.86
N ASP A 453 18.66 -1.59 -24.52
CA ASP A 453 18.25 -2.78 -25.24
C ASP A 453 16.79 -3.10 -24.91
N ASP A 454 16.14 -3.84 -25.81
CA ASP A 454 14.77 -4.32 -25.60
C ASP A 454 13.83 -3.18 -25.25
N LYS A 455 13.94 -2.11 -26.04
CA LYS A 455 13.17 -0.89 -25.81
C LYS A 455 11.75 -1.03 -26.36
N ILE A 456 10.77 -0.58 -25.57
CA ILE A 456 9.39 -0.56 -26.02
C ILE A 456 8.78 0.82 -25.77
N ASN A 457 9.46 1.66 -24.99
CA ASN A 457 8.97 2.99 -24.68
C ASN A 457 10.09 3.78 -24.04
N GLU A 458 9.76 5.01 -23.65
CA GLU A 458 10.74 5.95 -23.13
C GLU A 458 11.20 5.62 -21.71
N TYR A 459 10.63 4.59 -21.08
CA TYR A 459 10.87 4.28 -19.69
C TYR A 459 11.69 3.01 -19.54
N GLN A 460 12.26 2.84 -18.35
CA GLN A 460 12.57 1.48 -17.94
C GLN A 460 11.29 0.78 -17.53
N ASN A 461 11.24 -0.53 -17.74
CA ASN A 461 10.03 -1.31 -17.59
C ASN A 461 10.24 -2.36 -16.51
N PHE A 462 9.26 -2.53 -15.62
CA PHE A 462 9.51 -3.30 -14.40
C PHE A 462 8.61 -4.52 -14.32
N GLY A 463 9.23 -5.66 -14.02
CA GLY A 463 8.50 -6.90 -13.81
C GLY A 463 7.83 -6.95 -12.46
N ALA A 464 7.06 -8.03 -12.26
CA ALA A 464 6.33 -8.23 -11.02
C ALA A 464 7.27 -8.30 -9.82
N ILE A 465 8.40 -8.99 -9.98
CA ILE A 465 9.45 -9.01 -8.97
C ILE A 465 10.73 -8.55 -9.64
N TRP A 466 11.37 -7.54 -9.07
CA TRP A 466 12.62 -6.99 -9.57
C TRP A 466 13.73 -7.42 -8.61
N ILE A 467 14.69 -8.19 -9.12
CA ILE A 467 15.87 -8.57 -8.33
C ILE A 467 17.02 -7.73 -8.85
N TYR A 468 17.42 -6.73 -8.06
CA TYR A 468 18.33 -5.69 -8.51
C TYR A 468 19.61 -5.72 -7.69
N GLY A 469 20.71 -6.17 -8.30
CA GLY A 469 22.01 -5.99 -7.69
C GLY A 469 22.49 -4.56 -7.88
N GLY A 470 22.55 -3.79 -6.79
CA GLY A 470 23.02 -2.42 -6.88
C GLY A 470 24.52 -2.33 -6.63
N ASP A 471 24.94 -1.49 -5.70
CA ASP A 471 26.35 -1.35 -5.35
C ASP A 471 26.75 -2.15 -4.13
N ARG A 472 25.84 -2.88 -3.52
CA ARG A 472 26.16 -3.66 -2.34
C ARG A 472 25.81 -5.11 -2.59
N ALA A 473 26.33 -5.98 -1.71
CA ALA A 473 26.16 -7.42 -1.83
C ALA A 473 24.72 -7.80 -2.09
N ILE A 474 24.50 -8.67 -3.08
CA ILE A 474 23.18 -9.19 -3.41
C ILE A 474 23.28 -10.71 -3.32
N LYS A 475 22.78 -11.27 -2.22
CA LYS A 475 23.04 -12.67 -1.91
C LYS A 475 21.98 -13.16 -0.93
N ASN A 476 21.76 -14.47 -0.95
CA ASN A 476 20.91 -15.16 0.01
C ASN A 476 19.47 -14.66 -0.06
N ILE A 477 18.89 -14.80 -1.26
CA ILE A 477 17.51 -14.43 -1.53
C ILE A 477 16.77 -15.70 -1.91
N LEU A 478 15.68 -15.98 -1.21
CA LEU A 478 14.82 -17.12 -1.50
C LEU A 478 13.42 -16.61 -1.80
N ILE A 479 12.94 -16.88 -3.02
CA ILE A 479 11.61 -16.49 -3.46
C ILE A 479 10.84 -17.77 -3.80
N LYS A 480 9.83 -18.10 -3.00
CA LYS A 480 9.12 -19.36 -3.21
C LYS A 480 7.62 -19.19 -3.00
N ASN A 481 6.86 -20.05 -3.70
CA ASN A 481 5.41 -20.14 -3.59
C ASN A 481 4.73 -18.83 -3.97
N VAL A 482 4.92 -18.46 -5.24
CA VAL A 482 4.50 -17.16 -5.74
C VAL A 482 3.69 -17.37 -7.01
N ASP A 483 2.50 -16.76 -7.07
CA ASP A 483 1.70 -16.74 -8.27
C ASP A 483 1.69 -15.32 -8.84
N ILE A 484 2.07 -15.19 -10.10
CA ILE A 484 2.21 -13.89 -10.75
C ILE A 484 1.23 -13.86 -11.91
N ASN A 485 0.18 -13.06 -11.77
CA ASN A 485 -0.93 -13.06 -12.71
C ASN A 485 -0.93 -11.75 -13.50
N ASN A 486 -0.94 -11.89 -14.82
CA ASN A 486 -0.99 -10.77 -15.76
C ASN A 486 -0.09 -9.61 -15.32
N PRO A 487 1.20 -9.85 -15.11
CA PRO A 487 2.10 -8.74 -14.83
C PRO A 487 2.17 -7.84 -16.05
N VAL A 488 2.24 -6.53 -15.81
CA VAL A 488 2.33 -5.55 -16.89
C VAL A 488 3.31 -6.01 -17.96
N TYR A 489 4.53 -6.37 -17.55
CA TYR A 489 5.59 -6.72 -18.49
C TYR A 489 6.18 -8.10 -18.23
N PHE A 490 6.73 -8.36 -17.03
CA PHE A 490 7.46 -9.61 -16.81
C PHE A 490 7.08 -10.20 -15.45
N GLY A 491 7.29 -11.51 -15.32
CA GLY A 491 7.22 -12.15 -14.02
C GLY A 491 8.41 -11.78 -13.15
N LEU A 492 9.59 -12.27 -13.51
CA LEU A 492 10.81 -12.02 -12.77
C LEU A 492 11.78 -11.22 -13.62
N MET A 493 12.40 -10.20 -13.02
CA MET A 493 13.31 -9.30 -13.72
C MET A 493 14.60 -9.21 -12.91
N PHE A 494 15.69 -9.78 -13.45
CA PHE A 494 17.01 -9.78 -12.82
C PHE A 494 17.89 -8.74 -13.47
N GLN A 495 18.58 -7.94 -12.66
CA GLN A 495 19.38 -6.85 -13.22
C GLN A 495 20.57 -6.54 -12.30
N SER A 496 21.74 -6.34 -12.90
CA SER A 496 22.93 -5.92 -12.17
C SER A 496 23.28 -4.49 -12.59
N MET A 497 23.58 -3.64 -11.60
CA MET A 497 24.03 -2.28 -11.87
C MET A 497 25.51 -2.29 -12.29
N SER A 498 25.83 -1.57 -13.46
CA SER A 498 27.20 -1.40 -13.92
C SER A 498 27.77 -0.09 -13.38
N PRO A 499 29.09 -0.02 -13.12
CA PRO A 499 30.10 -1.05 -13.33
C PRO A 499 30.33 -1.96 -12.12
N ASN A 500 29.57 -1.77 -11.04
CA ASN A 500 29.82 -2.53 -9.81
C ASN A 500 29.77 -4.03 -10.06
N ASN A 501 28.76 -4.48 -10.78
CA ASN A 501 28.61 -5.87 -11.21
C ASN A 501 28.73 -6.83 -10.04
N MET A 502 27.95 -6.56 -9.00
CA MET A 502 27.95 -7.42 -7.83
C MET A 502 27.45 -8.82 -8.21
N VAL A 503 28.24 -9.82 -7.86
CA VAL A 503 27.90 -11.21 -8.22
C VAL A 503 26.76 -11.69 -7.32
N MET A 504 25.60 -11.94 -7.92
CA MET A 504 24.47 -12.52 -7.19
C MET A 504 24.78 -13.95 -6.80
N GLN A 505 24.67 -14.26 -5.52
CA GLN A 505 24.89 -15.62 -5.05
C GLN A 505 23.71 -16.08 -4.19
N ASN A 506 23.44 -17.38 -4.26
CA ASN A 506 22.35 -17.98 -3.50
C ASN A 506 21.04 -17.24 -3.74
N ILE A 507 20.71 -17.03 -5.02
CA ILE A 507 19.42 -16.50 -5.42
C ILE A 507 18.62 -17.67 -5.97
N ARG A 508 17.56 -18.06 -5.27
CA ARG A 508 16.81 -19.26 -5.61
C ARG A 508 15.33 -18.95 -5.74
N VAL A 509 14.69 -19.57 -6.73
CA VAL A 509 13.29 -19.33 -7.07
C VAL A 509 12.63 -20.69 -7.14
N GLU A 510 11.56 -20.89 -6.38
CA GLU A 510 10.92 -22.20 -6.25
C GLU A 510 9.40 -22.06 -6.25
N ASN A 511 8.72 -22.92 -7.01
CA ASN A 511 7.27 -23.00 -6.99
C ASN A 511 6.63 -21.66 -7.37
N VAL A 512 6.95 -21.21 -8.57
CA VAL A 512 6.46 -19.92 -9.05
C VAL A 512 5.72 -20.14 -10.35
N ASN A 513 4.53 -19.54 -10.45
CA ASN A 513 3.76 -19.50 -11.68
C ASN A 513 3.69 -18.06 -12.19
N ILE A 514 4.05 -17.88 -13.45
CA ILE A 514 3.99 -16.59 -14.13
C ILE A 514 3.01 -16.76 -15.28
N ASN A 515 1.85 -16.09 -15.17
CA ASN A 515 0.70 -16.30 -16.04
C ASN A 515 0.48 -15.06 -16.91
N ASN A 516 0.52 -15.26 -18.23
CA ASN A 516 0.24 -14.22 -19.22
C ASN A 516 1.03 -12.91 -19.06
N PRO A 517 2.36 -12.98 -18.85
CA PRO A 517 3.14 -11.75 -18.92
C PRO A 517 3.05 -11.18 -20.32
N SER A 518 2.94 -9.85 -20.43
CA SER A 518 2.77 -9.29 -21.77
C SER A 518 4.03 -9.48 -22.61
N ARG A 519 5.20 -9.47 -21.98
CA ARG A 519 6.46 -9.64 -22.71
C ARG A 519 7.09 -10.99 -22.41
N TYR A 520 7.76 -11.15 -21.27
CA TYR A 520 8.42 -12.43 -20.97
C TYR A 520 8.10 -12.89 -19.55
N GLY A 521 8.23 -14.21 -19.36
CA GLY A 521 8.13 -14.75 -18.03
C GLY A 521 9.28 -14.27 -17.16
N ILE A 522 10.50 -14.35 -17.69
CA ILE A 522 11.71 -13.94 -17.00
C ILE A 522 12.51 -13.04 -17.91
N LYS A 523 12.97 -11.91 -17.40
CA LYS A 523 13.84 -11.02 -18.15
C LYS A 523 15.17 -10.86 -17.42
N LEU A 524 16.25 -11.29 -18.06
CA LEU A 524 17.59 -10.88 -17.67
C LEU A 524 17.88 -9.58 -18.39
N VAL A 525 17.95 -8.49 -17.64
CA VAL A 525 18.19 -7.17 -18.24
C VAL A 525 19.60 -7.14 -18.81
N VAL A 526 19.69 -6.92 -20.12
CA VAL A 526 20.96 -6.87 -20.83
C VAL A 526 21.56 -5.46 -20.81
N ARG A 527 20.76 -4.46 -21.15
CA ARG A 527 21.22 -3.07 -21.14
C ARG A 527 20.02 -2.21 -20.77
N ALA A 528 19.93 -1.81 -19.49
CA ALA A 528 18.79 -1.05 -19.01
C ALA A 528 18.72 0.33 -19.64
N GLU A 529 19.88 0.88 -19.98
CA GLU A 529 20.06 2.22 -20.53
C GLU A 529 21.53 2.32 -20.91
N GLN A 530 21.91 3.46 -21.48
CA GLN A 530 23.28 3.61 -21.96
C GLN A 530 24.26 3.48 -20.80
N GLY A 531 25.34 2.74 -21.01
CA GLY A 531 26.35 2.53 -20.00
C GLY A 531 26.09 1.38 -19.05
N GLN A 532 24.97 0.67 -19.20
CA GLN A 532 24.61 -0.43 -18.32
C GLN A 532 24.75 -1.77 -19.04
N GLY A 533 25.08 -2.82 -18.28
CA GLY A 533 25.35 -4.12 -18.84
C GLY A 533 24.45 -5.23 -18.29
N PRO A 534 24.80 -6.48 -18.60
CA PRO A 534 23.99 -7.62 -18.17
C PRO A 534 24.27 -8.01 -16.71
N ALA A 535 23.52 -8.99 -16.24
CA ALA A 535 23.57 -9.41 -14.85
C ALA A 535 24.78 -10.31 -14.58
N TYR A 536 25.28 -10.28 -13.35
CA TYR A 536 26.40 -11.09 -12.90
C TYR A 536 25.97 -12.07 -11.81
N GLY A 537 26.33 -13.34 -11.99
CA GLY A 537 26.10 -14.35 -10.98
C GLY A 537 25.21 -15.45 -11.48
N GLY A 538 24.10 -15.69 -10.80
CA GLY A 538 23.14 -16.64 -11.32
C GLY A 538 21.94 -16.75 -10.41
N ALA A 539 21.00 -17.58 -10.83
CA ALA A 539 19.87 -17.89 -9.98
C ALA A 539 19.38 -19.27 -10.35
N SER A 540 18.87 -19.97 -9.35
CA SER A 540 18.34 -21.30 -9.57
CA SER A 540 18.34 -21.30 -9.57
C SER A 540 16.82 -21.25 -9.63
N PHE A 541 16.25 -22.11 -10.45
CA PHE A 541 14.81 -22.15 -10.67
C PHE A 541 14.32 -23.58 -10.50
N THR A 542 13.36 -23.79 -9.59
CA THR A 542 12.73 -25.08 -9.35
C THR A 542 11.22 -24.91 -9.46
N ASN A 543 10.59 -25.72 -10.31
CA ASN A 543 9.14 -25.69 -10.51
CA ASN A 543 9.14 -25.69 -10.50
C ASN A 543 8.66 -24.27 -10.78
N VAL A 544 9.35 -23.59 -11.69
CA VAL A 544 8.98 -22.27 -12.16
C VAL A 544 8.30 -22.44 -13.52
N LYS A 545 6.99 -22.17 -13.56
CA LYS A 545 6.18 -22.36 -14.75
C LYS A 545 5.88 -21.00 -15.38
N VAL A 546 6.10 -20.89 -16.69
CA VAL A 546 5.79 -19.67 -17.42
C VAL A 546 4.72 -20.03 -18.44
N ASN A 547 3.58 -19.35 -18.37
CA ASN A 547 2.38 -19.73 -19.11
C ASN A 547 1.94 -18.58 -20.01
N ASN A 548 1.85 -18.85 -21.31
CA ASN A 548 1.37 -17.89 -22.29
C ASN A 548 2.09 -16.53 -22.25
N PRO A 549 3.41 -16.50 -22.40
CA PRO A 549 4.08 -15.21 -22.51
C PRO A 549 3.77 -14.57 -23.86
N GLY A 550 3.68 -13.25 -23.84
CA GLY A 550 3.38 -12.54 -25.07
C GLY A 550 4.44 -12.77 -26.15
N ILE A 551 5.70 -12.88 -25.75
CA ILE A 551 6.77 -12.98 -26.72
C ILE A 551 7.50 -14.30 -26.56
N SER A 552 8.06 -14.54 -25.39
CA SER A 552 8.76 -15.79 -25.10
C SER A 552 8.91 -15.94 -23.60
N ALA A 553 9.25 -17.17 -23.18
CA ALA A 553 9.30 -17.50 -21.76
C ALA A 553 10.39 -16.72 -21.04
N ILE A 554 11.58 -16.64 -21.62
CA ILE A 554 12.71 -15.96 -20.98
C ILE A 554 13.44 -15.13 -22.01
N TYR A 555 13.83 -13.92 -21.62
CA TYR A 555 14.63 -13.05 -22.47
C TYR A 555 15.99 -12.83 -21.83
N GLY A 556 17.05 -12.85 -22.65
CA GLY A 556 18.34 -12.33 -22.27
C GLY A 556 19.39 -13.34 -21.85
N GLU A 557 19.07 -14.64 -21.91
CA GLU A 557 19.99 -15.64 -21.38
C GLU A 557 21.27 -15.74 -22.21
N ALA A 558 21.13 -15.78 -23.55
CA ALA A 558 22.31 -15.83 -24.39
C ALA A 558 23.14 -14.54 -24.34
N GLN A 559 22.54 -13.42 -23.97
CA GLN A 559 23.23 -12.13 -23.93
C GLN A 559 23.81 -11.80 -22.57
N SER A 560 23.70 -12.70 -21.59
CA SER A 560 24.18 -12.45 -20.23
C SER A 560 25.21 -13.52 -19.92
N PRO A 561 26.44 -13.37 -20.43
CA PRO A 561 27.45 -14.44 -20.31
C PRO A 561 28.06 -14.57 -18.94
N ASN A 562 27.84 -13.58 -18.06
CA ASN A 562 28.31 -13.62 -16.68
C ASN A 562 27.25 -14.11 -15.71
N PHE A 563 26.08 -14.51 -16.22
CA PHE A 563 24.95 -14.94 -15.42
C PHE A 563 24.57 -16.36 -15.80
N THR A 564 24.47 -17.27 -14.81
CA THR A 564 24.13 -18.67 -15.05
C THR A 564 22.73 -18.96 -14.55
N VAL A 565 21.80 -19.23 -15.47
CA VAL A 565 20.47 -19.73 -15.12
C VAL A 565 20.59 -21.22 -14.84
N THR A 566 20.29 -21.62 -13.61
CA THR A 566 20.28 -23.03 -13.24
C THR A 566 18.83 -23.53 -13.24
N ARG A 567 18.54 -24.47 -14.12
CA ARG A 567 17.22 -25.09 -14.22
C ARG A 567 17.29 -26.38 -13.41
N VAL A 568 16.91 -26.31 -12.13
CA VAL A 568 17.04 -27.48 -11.29
C VAL A 568 16.08 -28.58 -11.74
N SER A 569 14.78 -28.27 -11.82
CA SER A 569 13.77 -29.23 -12.25
C SER A 569 12.44 -28.50 -12.37
N GLY A 570 11.49 -29.13 -13.05
CA GLY A 570 10.12 -28.66 -13.04
C GLY A 570 9.86 -27.40 -13.83
N ASN A 571 10.79 -26.96 -14.68
CA ASN A 571 10.63 -25.73 -15.45
C ASN A 571 10.17 -26.04 -16.86
N ASN A 572 9.13 -25.34 -17.31
CA ASN A 572 8.65 -25.48 -18.68
C ASN A 572 9.31 -24.49 -19.62
N TRP A 573 10.57 -24.15 -19.35
CA TRP A 573 11.33 -23.18 -20.13
C TRP A 573 12.80 -23.45 -19.87
C1 GLC B . 12.26 10.28 1.51
C2 GLC B . 13.13 10.62 2.70
C3 GLC B . 12.59 9.97 3.96
C4 GLC B . 11.11 10.24 4.15
C5 GLC B . 10.38 9.72 2.94
C6 GLC B . 8.90 10.07 2.98
O1 GLC B . 12.52 8.97 1.04
O2 GLC B . 14.44 10.16 2.42
O3 GLC B . 13.28 10.54 5.00
O4 GLC B . 10.59 9.67 5.31
O5 GLC B . 10.92 10.42 1.87
O6 GLC B . 8.63 11.40 3.25
C1 GLC B . 13.74 9.48 5.84
C2 GLC B . 14.37 10.09 7.09
C3 GLC B . 15.75 10.63 6.67
C4 GLC B . 16.62 9.48 6.13
C5 GLC B . 15.88 8.73 5.02
C6 GLC B . 16.63 7.47 4.53
O2 GLC B . 13.53 11.10 7.60
O3 GLC B . 16.39 11.30 7.73
O4 GLC B . 17.83 10.02 5.65
O5 GLC B . 14.55 8.39 5.43
O6 GLC B . 16.84 6.52 5.56
C1 GLC B . 17.22 12.40 7.83
C2 GLC B . 18.14 12.66 9.02
C3 GLC B . 17.32 12.86 10.29
C4 GLC B . 16.26 13.94 10.06
C5 GLC B . 15.41 13.56 8.84
C6 GLC B . 14.28 14.54 8.52
O2 GLC B . 19.08 11.61 9.18
O3 GLC B . 18.12 13.20 11.41
O4 GLC B . 15.50 14.08 11.24
O5 GLC B . 16.26 13.44 7.69
O6 GLC B . 14.73 15.56 7.66
C1 GLC C . 18.21 4.81 -13.23
C2 GLC C . 18.23 5.58 -11.92
C3 GLC C . 18.57 4.74 -10.73
C4 GLC C . 17.86 3.41 -10.86
C5 GLC C . 18.32 2.68 -12.09
C6 GLC C . 17.43 1.47 -12.31
O1 GLC C . 19.17 5.22 -14.14
O2 GLC C . 19.02 6.73 -11.98
O3 GLC C . 17.91 5.28 -9.64
O4 GLC C . 18.15 2.65 -9.73
O5 GLC C . 18.23 3.45 -13.21
O6 GLC C . 17.81 0.69 -13.38
C1 GLC C . 18.75 5.57 -8.47
C2 GLC C . 17.82 6.20 -7.43
C3 GLC C . 17.58 7.66 -7.82
C4 GLC C . 18.92 8.38 -7.93
C5 GLC C . 19.83 7.63 -8.91
C6 GLC C . 21.20 8.28 -9.05
O2 GLC C . 16.62 5.44 -7.31
O3 GLC C . 16.70 8.35 -6.94
O4 GLC C . 18.70 9.70 -8.38
O5 GLC C . 19.98 6.28 -8.51
O6 GLC C . 22.13 7.54 -8.30
C1 GLC C . 16.67 8.26 -5.58
C2 GLC C . 15.32 7.74 -5.06
C3 GLC C . 14.21 8.75 -5.23
C4 GLC C . 14.66 10.18 -4.92
C5 GLC C . 16.03 10.50 -5.52
C6 GLC C . 16.49 11.89 -5.09
O2 GLC C . 14.92 6.59 -5.76
O3 GLC C . 13.19 8.36 -4.34
O4 GLC C . 13.71 11.08 -5.45
O5 GLC C . 16.96 9.54 -5.08
O6 GLC C . 17.81 12.09 -5.54
C1 GLC C . 12.14 8.35 -5.23
C2 GLC C . 11.01 8.45 -4.20
C3 GLC C . 10.91 7.11 -3.50
C4 GLC C . 10.67 6.00 -4.56
C5 GLC C . 11.62 6.09 -5.76
C6 GLC C . 11.10 5.21 -6.89
O2 GLC C . 11.22 9.50 -3.27
O3 GLC C . 9.87 7.20 -2.55
O4 GLC C . 10.81 4.71 -4.03
O5 GLC C . 11.79 7.42 -6.24
O6 GLC C . 9.78 5.60 -7.20
S SO4 D . 18.50 -14.10 -25.52
O1 SO4 D . 19.54 -13.18 -25.03
O2 SO4 D . 18.68 -14.19 -26.98
O3 SO4 D . 18.62 -15.43 -24.93
O4 SO4 D . 17.17 -13.59 -25.22
S SO4 E . 4.16 15.73 34.23
O1 SO4 E . 5.12 16.82 34.44
O2 SO4 E . 4.76 14.69 33.39
O3 SO4 E . 3.78 15.13 35.50
O4 SO4 E . 2.99 16.31 33.55
S SO4 F . 13.78 10.95 23.92
O1 SO4 F . 15.08 11.27 23.33
O2 SO4 F . 13.04 10.05 23.02
O3 SO4 F . 13.99 10.30 25.22
O4 SO4 F . 13.02 12.20 24.13
S SO4 G . -3.02 26.13 5.57
O1 SO4 G . -3.04 25.89 4.12
O2 SO4 G . -2.29 25.03 6.22
O3 SO4 G . -2.38 27.43 5.87
O4 SO4 G . -4.38 26.20 6.09
S SO4 H . 15.35 -3.91 -29.40
O1 SO4 H . 15.44 -2.60 -28.76
O2 SO4 H . 15.87 -3.84 -30.77
O3 SO4 H . 16.15 -4.89 -28.64
O4 SO4 H . 13.93 -4.33 -29.44
S SO4 I . 17.16 -23.76 -0.79
O1 SO4 I . 17.56 -22.99 -1.98
O2 SO4 I . 15.98 -24.58 -1.11
O3 SO4 I . 18.26 -24.62 -0.36
O4 SO4 I . 16.77 -22.86 0.30
CA CA J . -12.46 -1.80 -10.17
#